data_4YM3
#
_entry.id   4YM3
#
_cell.length_a   45.533
_cell.length_b   130.185
_cell.length_c   45.465
_cell.angle_alpha   90.000
_cell.angle_beta   96.910
_cell.angle_gamma   90.000
#
_symmetry.space_group_name_H-M   'P 1 21 1'
#
loop_
_entity.id
_entity.type
_entity.pdbx_description
1 polymer Galectin-4
2 branched beta-D-galactopyranose-(1-4)-beta-D-glucopyranose
3 water water
#
_entity_poly.entity_id   1
_entity_poly.type   'polypeptide(L)'
_entity_poly.pdbx_seq_one_letter_code
;HCHQQLNSLPTMEGPPTFNPPVPYFGRLQGGLTARRTIIIKGYVPPTGKSFAINFKVGSSGDIALHINPRMGNGTVVRNS
LLNGSWGSEEKKITHNPFGPGQFFDLSIRCGLDRFKVYANGQHLFDFAHRLSAFQRVDTLEIQGDVTLSYVQI
;
_entity_poly.pdbx_strand_id   A,B,C,D
#
loop_
_chem_comp.id
_chem_comp.type
_chem_comp.name
_chem_comp.formula
BGC D-saccharide, beta linking beta-D-glucopyranose 'C6 H12 O6'
GAL D-saccharide, beta linking beta-D-galactopyranose 'C6 H12 O6'
#
# COMPACT_ATOMS: atom_id res chain seq x y z
N PRO A 15 14.51 -7.64 -28.59
CA PRO A 15 15.75 -6.88 -28.55
C PRO A 15 15.68 -5.36 -28.77
N PRO A 16 14.89 -4.86 -29.77
CA PRO A 16 14.74 -3.39 -29.76
C PRO A 16 13.91 -2.87 -28.58
N THR A 17 14.00 -1.56 -28.34
CA THR A 17 13.24 -0.91 -27.28
C THR A 17 11.84 -0.53 -27.79
N PHE A 18 11.77 0.02 -29.01
CA PHE A 18 10.51 0.46 -29.61
C PHE A 18 9.93 -0.54 -30.61
N ASN A 19 8.61 -0.68 -30.56
CA ASN A 19 7.83 -1.68 -31.32
C ASN A 19 8.49 -3.07 -31.42
N PRO A 20 9.01 -3.60 -30.28
CA PRO A 20 9.64 -4.92 -30.40
C PRO A 20 8.58 -5.98 -30.71
N PRO A 21 8.90 -6.96 -31.58
CA PRO A 21 7.94 -8.03 -31.86
C PRO A 21 7.92 -9.09 -30.76
N VAL A 22 6.77 -9.76 -30.65
CA VAL A 22 6.58 -10.87 -29.71
C VAL A 22 6.77 -12.15 -30.53
N PRO A 23 7.52 -13.14 -30.05
CA PRO A 23 8.08 -13.19 -28.68
C PRO A 23 9.33 -12.33 -28.44
N TYR A 24 9.29 -11.55 -27.35
CA TYR A 24 10.40 -10.71 -26.93
C TYR A 24 11.32 -11.51 -26.00
N PHE A 25 12.61 -11.49 -26.29
CA PHE A 25 13.65 -12.07 -25.41
C PHE A 25 14.76 -11.06 -25.18
N GLY A 26 14.88 -10.56 -23.94
CA GLY A 26 15.89 -9.55 -23.58
C GLY A 26 16.69 -9.95 -22.36
N ARG A 27 18.01 -9.79 -22.44
CA ARG A 27 18.91 -10.16 -21.32
C ARG A 27 19.15 -8.98 -20.39
N LEU A 28 19.08 -9.26 -19.08
CA LEU A 28 19.27 -8.26 -18.05
C LEU A 28 20.74 -8.26 -17.67
N GLN A 29 21.46 -7.23 -18.15
CA GLN A 29 22.91 -7.11 -17.94
C GLN A 29 23.22 -6.95 -16.46
N GLY A 30 24.10 -7.80 -15.94
CA GLY A 30 24.38 -7.87 -14.51
C GLY A 30 23.25 -8.45 -13.67
N GLY A 31 22.36 -9.22 -14.31
CA GLY A 31 21.23 -9.84 -13.63
C GLY A 31 20.18 -8.84 -13.16
N LEU A 32 19.12 -9.36 -12.53
CA LEU A 32 18.06 -8.54 -11.99
C LEU A 32 18.52 -7.93 -10.68
N THR A 33 19.03 -6.70 -10.76
CA THR A 33 19.54 -6.00 -9.58
C THR A 33 18.38 -5.56 -8.71
N ALA A 34 18.63 -5.48 -7.40
CA ALA A 34 17.67 -4.85 -6.50
C ALA A 34 17.50 -3.40 -6.95
N ARG A 35 16.25 -2.92 -6.95
CA ARG A 35 15.87 -1.58 -7.41
C ARG A 35 15.78 -1.42 -8.94
N ARG A 36 15.95 -2.51 -9.68
CA ARG A 36 15.91 -2.45 -11.14
C ARG A 36 14.46 -2.39 -11.62
N THR A 37 14.16 -1.41 -12.46
CA THR A 37 12.80 -1.21 -13.00
C THR A 37 12.73 -1.60 -14.47
N ILE A 38 11.67 -2.33 -14.82
CA ILE A 38 11.38 -2.72 -16.21
C ILE A 38 10.04 -2.11 -16.59
N ILE A 39 10.01 -1.44 -17.75
CA ILE A 39 8.81 -0.79 -18.25
C ILE A 39 8.34 -1.58 -19.46
N ILE A 40 7.05 -1.88 -19.51
CA ILE A 40 6.44 -2.54 -20.64
C ILE A 40 5.17 -1.80 -20.99
N LYS A 41 5.16 -1.19 -22.17
CA LYS A 41 3.99 -0.52 -22.70
C LYS A 41 3.47 -1.37 -23.84
N GLY A 42 2.16 -1.64 -23.81
CA GLY A 42 1.59 -2.56 -24.77
C GLY A 42 0.13 -2.31 -25.08
N TYR A 43 -0.41 -3.18 -25.92
CA TYR A 43 -1.80 -3.14 -26.35
C TYR A 43 -2.34 -4.57 -26.33
N VAL A 44 -3.51 -4.74 -25.71
CA VAL A 44 -4.18 -6.03 -25.63
C VAL A 44 -5.09 -6.17 -26.86
N PRO A 45 -4.77 -7.11 -27.77
CA PRO A 45 -5.60 -7.26 -28.98
C PRO A 45 -7.03 -7.69 -28.63
N PRO A 46 -8.05 -7.15 -29.33
CA PRO A 46 -9.42 -7.58 -29.08
C PRO A 46 -9.70 -9.07 -29.32
N THR A 47 -8.94 -9.72 -30.22
CA THR A 47 -9.14 -11.15 -30.53
C THR A 47 -8.14 -12.09 -29.83
N GLY A 48 -7.30 -11.55 -28.94
CA GLY A 48 -6.32 -12.36 -28.21
C GLY A 48 -6.92 -13.04 -26.99
N LYS A 49 -6.29 -14.14 -26.57
CA LYS A 49 -6.75 -14.92 -25.43
C LYS A 49 -5.89 -14.75 -24.19
N SER A 50 -4.56 -14.77 -24.35
CA SER A 50 -3.68 -14.59 -23.21
C SER A 50 -2.27 -14.24 -23.64
N PHE A 51 -1.52 -13.62 -22.73
CA PHE A 51 -0.12 -13.35 -22.94
C PHE A 51 0.62 -13.48 -21.64
N ALA A 52 1.94 -13.61 -21.70
CA ALA A 52 2.75 -13.80 -20.50
C ALA A 52 4.04 -12.97 -20.49
N ILE A 53 4.38 -12.45 -19.32
CA ILE A 53 5.65 -11.77 -19.08
C ILE A 53 6.39 -12.67 -18.09
N ASN A 54 7.57 -13.16 -18.48
CA ASN A 54 8.36 -14.08 -17.64
C ASN A 54 9.73 -13.52 -17.30
N PHE A 55 10.01 -13.44 -16.00
CA PHE A 55 11.35 -13.14 -15.51
C PHE A 55 12.04 -14.46 -15.23
N LYS A 56 13.05 -14.78 -16.03
CA LYS A 56 13.62 -16.11 -16.07
C LYS A 56 15.12 -16.13 -15.80
N VAL A 57 15.57 -17.27 -15.29
CA VAL A 57 16.97 -17.56 -15.13
C VAL A 57 17.40 -18.30 -16.40
N GLY A 58 18.04 -17.54 -17.29
CA GLY A 58 18.84 -18.10 -18.38
C GLY A 58 18.12 -18.92 -19.43
N SER A 59 17.58 -18.23 -20.43
CA SER A 59 17.03 -18.83 -21.66
C SER A 59 15.81 -19.75 -21.44
N SER A 60 16.02 -20.93 -20.85
CA SER A 60 14.96 -21.93 -20.69
C SER A 60 15.01 -22.61 -19.31
N GLY A 61 15.22 -21.78 -18.27
CA GLY A 61 15.30 -22.24 -16.88
C GLY A 61 14.10 -21.77 -16.08
N ASP A 62 14.31 -21.59 -14.77
CA ASP A 62 13.23 -21.27 -13.82
C ASP A 62 12.54 -19.96 -14.19
N ILE A 63 11.25 -19.85 -13.87
CA ILE A 63 10.54 -18.59 -13.99
C ILE A 63 10.29 -18.06 -12.57
N ALA A 64 11.05 -17.04 -12.18
CA ALA A 64 10.90 -16.38 -10.88
C ALA A 64 9.55 -15.69 -10.72
N LEU A 65 9.08 -15.08 -11.82
CA LEU A 65 7.78 -14.45 -11.87
C LEU A 65 7.20 -14.56 -13.27
N HIS A 66 6.00 -15.16 -13.34
CA HIS A 66 5.20 -15.36 -14.55
C HIS A 66 3.95 -14.52 -14.35
N ILE A 67 3.75 -13.53 -15.22
CA ILE A 67 2.57 -12.67 -15.18
C ILE A 67 1.76 -12.99 -16.42
N ASN A 68 0.52 -13.46 -16.22
CA ASN A 68 -0.27 -14.03 -17.32
C ASN A 68 -1.69 -13.50 -17.26
N PRO A 69 -1.95 -12.36 -17.94
CA PRO A 69 -3.32 -11.92 -18.05
C PRO A 69 -4.10 -12.81 -19.01
N ARG A 70 -5.30 -13.22 -18.61
CA ARG A 70 -6.14 -14.13 -19.40
C ARG A 70 -7.48 -13.47 -19.69
N MET A 71 -7.71 -13.21 -20.98
CA MET A 71 -8.80 -12.33 -21.40
C MET A 71 -10.18 -12.96 -21.27
N GLY A 72 -10.28 -14.28 -21.48
CA GLY A 72 -11.55 -15.02 -21.36
C GLY A 72 -12.24 -14.85 -20.02
N ASN A 73 -11.50 -15.04 -18.93
CA ASN A 73 -12.03 -14.89 -17.57
C ASN A 73 -11.56 -13.60 -16.85
N GLY A 74 -10.84 -12.73 -17.58
CA GLY A 74 -10.39 -11.44 -17.05
C GLY A 74 -9.60 -11.56 -15.77
N THR A 75 -8.61 -12.45 -15.79
CA THR A 75 -7.80 -12.74 -14.60
C THR A 75 -6.35 -12.32 -14.90
N VAL A 76 -5.61 -11.99 -13.84
CA VAL A 76 -4.19 -11.65 -13.92
C VAL A 76 -3.44 -12.61 -13.00
N VAL A 77 -3.01 -13.73 -13.58
CA VAL A 77 -2.44 -14.84 -12.80
C VAL A 77 -0.95 -14.62 -12.60
N ARG A 78 -0.50 -14.67 -11.34
CA ARG A 78 0.93 -14.62 -11.03
C ARG A 78 1.35 -15.94 -10.45
N ASN A 79 2.52 -16.42 -10.84
CA ASN A 79 3.04 -17.68 -10.32
C ASN A 79 4.54 -17.76 -10.58
N SER A 80 5.19 -18.77 -9.98
CA SER A 80 6.56 -19.13 -10.26
C SER A 80 6.63 -20.58 -10.72
N LEU A 81 7.47 -20.82 -11.72
CA LEU A 81 7.80 -22.16 -12.21
C LEU A 81 9.19 -22.48 -11.70
N LEU A 82 9.27 -23.28 -10.65
CA LEU A 82 10.53 -23.53 -9.94
C LEU A 82 10.81 -25.00 -9.85
N ASN A 83 12.03 -25.38 -10.22
CA ASN A 83 12.50 -26.76 -10.19
C ASN A 83 11.50 -27.74 -10.83
N GLY A 84 10.92 -27.30 -11.95
CA GLY A 84 10.01 -28.12 -12.74
C GLY A 84 8.51 -27.95 -12.53
N SER A 85 8.10 -27.35 -11.39
CA SER A 85 6.67 -27.27 -11.04
C SER A 85 6.16 -25.84 -10.80
N TRP A 86 4.92 -25.61 -11.21
CA TRP A 86 4.20 -24.39 -10.87
C TRP A 86 3.82 -24.47 -9.40
N GLY A 87 3.88 -23.32 -8.72
CA GLY A 87 3.43 -23.19 -7.33
C GLY A 87 2.00 -22.73 -7.32
N SER A 88 1.59 -22.11 -6.22
CA SER A 88 0.22 -21.60 -6.07
CA SER A 88 0.22 -21.62 -6.09
C SER A 88 0.06 -20.29 -6.82
N GLU A 89 -1.09 -20.13 -7.48
CA GLU A 89 -1.40 -18.90 -8.21
C GLU A 89 -1.82 -17.80 -7.26
N GLU A 90 -1.43 -16.56 -7.58
CA GLU A 90 -1.91 -15.35 -6.90
C GLU A 90 -2.66 -14.55 -7.95
N LYS A 91 -3.94 -14.27 -7.67
CA LYS A 91 -4.83 -13.64 -8.64
C LYS A 91 -5.46 -12.32 -8.18
N LYS A 92 -5.37 -12.02 -6.88
CA LYS A 92 -6.07 -10.87 -6.33
C LYS A 92 -5.58 -9.54 -6.95
N ILE A 93 -6.54 -8.70 -7.32
CA ILE A 93 -6.32 -7.37 -7.91
C ILE A 93 -7.47 -6.47 -7.46
N THR A 94 -7.29 -5.16 -7.61
CA THR A 94 -8.39 -4.18 -7.49
C THR A 94 -8.71 -3.48 -8.81
N HIS A 95 -7.98 -3.82 -9.88
CA HIS A 95 -8.32 -3.40 -11.22
C HIS A 95 -7.62 -4.31 -12.22
N ASN A 96 -8.25 -4.50 -13.38
CA ASN A 96 -7.65 -5.21 -14.48
C ASN A 96 -7.45 -4.27 -15.67
N PRO A 97 -6.19 -3.85 -15.93
CA PRO A 97 -5.91 -2.94 -17.02
C PRO A 97 -5.77 -3.64 -18.39
N PHE A 98 -5.95 -4.96 -18.45
CA PHE A 98 -5.67 -5.73 -19.68
C PHE A 98 -6.96 -6.11 -20.42
N GLY A 99 -7.92 -5.18 -20.45
CA GLY A 99 -9.17 -5.41 -21.16
C GLY A 99 -8.95 -5.44 -22.67
N PRO A 100 -9.82 -6.16 -23.41
CA PRO A 100 -9.66 -6.23 -24.87
C PRO A 100 -9.58 -4.83 -25.52
N GLY A 101 -8.56 -4.62 -26.35
CA GLY A 101 -8.38 -3.35 -27.05
C GLY A 101 -7.87 -2.20 -26.20
N GLN A 102 -7.26 -2.49 -25.05
CA GLN A 102 -6.79 -1.45 -24.17
C GLN A 102 -5.28 -1.34 -24.25
N PHE A 103 -4.77 -0.12 -24.12
CA PHE A 103 -3.34 0.11 -23.93
C PHE A 103 -3.05 0.12 -22.45
N PHE A 104 -1.86 -0.34 -22.09
CA PHE A 104 -1.43 -0.39 -20.69
C PHE A 104 0.03 0.05 -20.58
N ASP A 105 0.39 0.60 -19.41
CA ASP A 105 1.77 1.00 -19.11
C ASP A 105 2.15 0.33 -17.81
N LEU A 106 2.96 -0.73 -17.91
CA LEU A 106 3.44 -1.50 -16.75
C LEU A 106 4.80 -1.01 -16.30
N SER A 107 4.94 -0.87 -14.99
CA SER A 107 6.22 -0.64 -14.33
C SER A 107 6.43 -1.79 -13.36
N ILE A 108 7.57 -2.46 -13.48
CA ILE A 108 7.87 -3.64 -12.68
C ILE A 108 9.20 -3.41 -11.97
N ARG A 109 9.14 -3.25 -10.65
CA ARG A 109 10.34 -2.99 -9.85
C ARG A 109 10.67 -4.23 -9.05
N CYS A 110 11.94 -4.67 -9.14
CA CYS A 110 12.44 -5.74 -8.30
C CYS A 110 12.96 -5.14 -7.00
N GLY A 111 12.23 -5.37 -5.92
CA GLY A 111 12.65 -4.98 -4.57
C GLY A 111 13.39 -6.11 -3.89
N LEU A 112 13.85 -5.88 -2.67
CA LEU A 112 14.58 -6.92 -1.91
C LEU A 112 13.74 -8.15 -1.59
N ASP A 113 12.48 -7.96 -1.17
CA ASP A 113 11.59 -9.06 -0.77
C ASP A 113 10.41 -9.33 -1.72
N ARG A 114 10.20 -8.49 -2.72
CA ARG A 114 9.05 -8.65 -3.62
C ARG A 114 9.23 -7.85 -4.89
N PHE A 115 8.63 -8.35 -5.98
CA PHE A 115 8.37 -7.53 -7.16
C PHE A 115 7.20 -6.61 -6.84
N LYS A 116 7.28 -5.33 -7.20
CA LYS A 116 6.17 -4.39 -7.07
C LYS A 116 5.76 -3.93 -8.46
N VAL A 117 4.49 -4.16 -8.79
CA VAL A 117 4.01 -3.92 -10.15
C VAL A 117 2.90 -2.89 -10.19
N TYR A 118 3.13 -1.84 -10.97
CA TYR A 118 2.15 -0.80 -11.22
C TYR A 118 1.69 -0.87 -12.66
N ALA A 119 0.46 -0.46 -12.92
CA ALA A 119 -0.12 -0.41 -14.26
C ALA A 119 -0.83 0.93 -14.42
N ASN A 120 -0.44 1.70 -15.44
CA ASN A 120 -0.96 3.06 -15.66
C ASN A 120 -0.85 3.98 -14.42
N GLY A 121 0.24 3.81 -13.67
CA GLY A 121 0.48 4.59 -12.46
C GLY A 121 -0.14 4.06 -11.17
N GLN A 122 -0.99 3.04 -11.27
CA GLN A 122 -1.75 2.53 -10.13
C GLN A 122 -1.24 1.17 -9.71
N HIS A 123 -1.03 0.99 -8.40
CA HIS A 123 -0.54 -0.29 -7.88
C HIS A 123 -1.44 -1.43 -8.36
N LEU A 124 -0.82 -2.48 -8.89
CA LEU A 124 -1.55 -3.64 -9.44
C LEU A 124 -1.36 -4.84 -8.52
N PHE A 125 -0.12 -5.25 -8.28
CA PHE A 125 0.17 -6.30 -7.28
C PHE A 125 1.61 -6.26 -6.76
N ASP A 126 1.81 -6.73 -5.54
CA ASP A 126 3.12 -7.18 -5.08
C ASP A 126 3.18 -8.69 -5.21
N PHE A 127 4.37 -9.21 -5.53
CA PHE A 127 4.61 -10.64 -5.58
C PHE A 127 5.89 -10.95 -4.79
N ALA A 128 5.73 -11.50 -3.59
CA ALA A 128 6.89 -11.92 -2.76
C ALA A 128 7.79 -12.86 -3.54
N HIS A 129 9.11 -12.69 -3.37
CA HIS A 129 10.07 -13.59 -4.01
C HIS A 129 9.93 -15.00 -3.48
N ARG A 130 9.85 -15.94 -4.41
CA ARG A 130 9.92 -17.35 -4.12
C ARG A 130 11.28 -17.90 -4.55
N LEU A 131 11.79 -17.41 -5.68
CA LEU A 131 13.22 -17.53 -5.98
C LEU A 131 13.94 -16.42 -5.21
N SER A 132 14.54 -16.79 -4.08
CA SER A 132 15.09 -15.84 -3.12
C SER A 132 16.21 -14.98 -3.70
N ALA A 133 17.19 -15.65 -4.30
CA ALA A 133 18.27 -14.98 -5.03
C ALA A 133 17.73 -14.47 -6.36
N PHE A 134 17.06 -13.32 -6.29
CA PHE A 134 16.44 -12.68 -7.47
C PHE A 134 17.48 -12.18 -8.48
N GLN A 135 18.67 -11.82 -7.99
CA GLN A 135 19.85 -11.52 -8.82
C GLN A 135 20.09 -12.52 -9.96
N ARG A 136 19.81 -13.80 -9.70
CA ARG A 136 19.93 -14.86 -10.71
C ARG A 136 19.10 -14.64 -11.99
N VAL A 137 17.99 -13.92 -11.88
CA VAL A 137 17.15 -13.60 -13.04
C VAL A 137 17.93 -12.71 -14.01
N ASP A 138 18.07 -13.19 -15.25
CA ASP A 138 18.80 -12.48 -16.29
C ASP A 138 18.08 -12.43 -17.66
N THR A 139 16.82 -12.86 -17.71
CA THR A 139 16.08 -12.98 -18.95
C THR A 139 14.66 -12.45 -18.79
N LEU A 140 14.31 -11.43 -19.58
CA LEU A 140 12.93 -10.98 -19.71
C LEU A 140 12.35 -11.61 -20.97
N GLU A 141 11.24 -12.30 -20.79
CA GLU A 141 10.56 -13.02 -21.86
C GLU A 141 9.13 -12.51 -21.94
N ILE A 142 8.64 -12.24 -23.14
CA ILE A 142 7.25 -11.84 -23.32
C ILE A 142 6.70 -12.59 -24.50
N GLN A 143 5.53 -13.21 -24.31
CA GLN A 143 4.97 -14.15 -25.28
C GLN A 143 3.47 -14.03 -25.35
N GLY A 144 2.90 -14.48 -26.47
CA GLY A 144 1.46 -14.61 -26.61
C GLY A 144 0.79 -13.44 -27.30
N ASP A 145 -0.47 -13.21 -26.94
CA ASP A 145 -1.34 -12.29 -27.67
C ASP A 145 -1.25 -10.86 -27.10
N VAL A 146 -0.19 -10.16 -27.49
CA VAL A 146 0.06 -8.79 -27.02
C VAL A 146 0.92 -8.04 -28.06
N THR A 147 0.60 -6.76 -28.25
CA THR A 147 1.40 -5.89 -29.10
C THR A 147 2.16 -4.93 -28.19
N LEU A 148 3.47 -4.88 -28.36
CA LEU A 148 4.35 -4.08 -27.52
C LEU A 148 4.77 -2.82 -28.28
N SER A 149 4.59 -1.67 -27.64
CA SER A 149 5.06 -0.38 -28.17
C SER A 149 6.44 0.01 -27.60
N TYR A 150 6.71 -0.38 -26.36
CA TYR A 150 7.93 0.05 -25.68
C TYR A 150 8.28 -0.97 -24.58
N VAL A 151 9.53 -1.42 -24.58
CA VAL A 151 10.08 -2.23 -23.48
C VAL A 151 11.45 -1.65 -23.14
N GLN A 152 11.60 -1.17 -21.91
CA GLN A 152 12.85 -0.63 -21.39
C GLN A 152 13.35 -1.55 -20.30
N ILE A 153 14.54 -2.11 -20.52
CA ILE A 153 15.28 -2.88 -19.51
C ILE A 153 16.59 -2.15 -19.20
N PRO B 16 -12.90 24.99 23.42
CA PRO B 16 -12.40 26.18 22.75
C PRO B 16 -11.47 25.88 21.58
N THR B 17 -11.29 26.86 20.70
CA THR B 17 -10.43 26.73 19.52
C THR B 17 -8.96 27.01 19.81
N PHE B 18 -8.69 28.06 20.59
CA PHE B 18 -7.32 28.46 20.94
C PHE B 18 -6.93 28.02 22.34
N ASN B 19 -5.69 27.51 22.45
CA ASN B 19 -5.15 26.98 23.69
C ASN B 19 -6.13 26.12 24.50
N PRO B 20 -6.75 25.11 23.85
CA PRO B 20 -7.67 24.27 24.60
C PRO B 20 -6.88 23.33 25.50
N PRO B 21 -7.27 23.21 26.78
CA PRO B 21 -6.54 22.25 27.62
C PRO B 21 -6.89 20.81 27.29
N VAL B 22 -6.03 19.90 27.75
CA VAL B 22 -6.16 18.46 27.53
C VAL B 22 -6.49 17.90 28.91
N PRO B 23 -7.44 16.95 29.05
CA PRO B 23 -8.09 16.25 27.95
C PRO B 23 -9.10 17.12 27.19
N TYR B 24 -9.10 16.94 25.86
CA TYR B 24 -9.93 17.71 24.94
C TYR B 24 -11.03 16.79 24.41
N PHE B 25 -12.26 17.30 24.34
CA PHE B 25 -13.39 16.58 23.76
C PHE B 25 -14.20 17.56 22.91
N GLY B 26 -14.34 17.25 21.61
CA GLY B 26 -15.07 18.10 20.67
C GLY B 26 -16.11 17.32 19.91
N ARG B 27 -17.33 17.85 19.85
CA ARG B 27 -18.38 17.29 18.99
C ARG B 27 -18.09 17.68 17.54
N LEU B 28 -18.12 16.70 16.65
CA LEU B 28 -17.98 16.96 15.22
C LEU B 28 -19.37 17.14 14.62
N GLN B 29 -19.85 18.39 14.62
CA GLN B 29 -21.19 18.79 14.15
C GLN B 29 -21.75 17.94 13.01
N GLY B 30 -22.76 17.14 13.32
CA GLY B 30 -23.24 16.09 12.42
C GLY B 30 -22.30 14.91 12.48
N GLY B 31 -21.37 14.85 11.53
CA GLY B 31 -20.33 13.82 11.50
C GLY B 31 -19.28 14.09 10.44
N LEU B 32 -18.32 13.18 10.29
CA LEU B 32 -17.31 13.28 9.23
C LEU B 32 -17.97 13.19 7.85
N THR B 33 -17.35 13.84 6.88
CA THR B 33 -17.77 13.79 5.48
C THR B 33 -16.53 13.66 4.60
N ALA B 34 -16.75 13.34 3.32
CA ALA B 34 -15.66 13.11 2.36
C ALA B 34 -14.74 14.31 2.10
N ARG B 35 -15.22 15.53 2.38
CA ARG B 35 -14.42 16.76 2.24
C ARG B 35 -13.82 17.29 3.55
N ARG B 36 -14.29 16.78 4.69
CA ARG B 36 -14.01 17.40 5.99
C ARG B 36 -12.54 17.29 6.44
N THR B 37 -12.02 18.39 7.01
CA THR B 37 -10.65 18.45 7.54
C THR B 37 -10.59 19.04 8.95
N ILE B 38 -9.73 18.46 9.80
CA ILE B 38 -9.50 18.91 11.16
C ILE B 38 -8.05 19.34 11.29
N ILE B 39 -7.82 20.44 12.01
CA ILE B 39 -6.47 20.94 12.25
C ILE B 39 -6.15 20.92 13.72
N ILE B 40 -4.95 20.45 14.02
CA ILE B 40 -4.42 20.36 15.37
C ILE B 40 -2.98 20.89 15.34
N LYS B 41 -2.77 22.04 15.96
CA LYS B 41 -1.43 22.58 16.17
C LYS B 41 -1.11 22.45 17.66
N GLY B 42 0.08 21.96 17.95
CA GLY B 42 0.53 21.78 19.32
C GLY B 42 2.02 21.70 19.47
N TYR B 43 2.42 21.35 20.70
CA TYR B 43 3.81 21.29 21.13
C TYR B 43 3.97 20.03 21.98
N VAL B 44 4.98 19.21 21.64
CA VAL B 44 5.33 18.03 22.40
C VAL B 44 6.28 18.41 23.55
N PRO B 45 5.85 18.24 24.82
CA PRO B 45 6.72 18.65 25.92
C PRO B 45 8.01 17.82 25.94
N PRO B 46 9.15 18.41 26.35
CA PRO B 46 10.42 17.67 26.43
C PRO B 46 10.37 16.37 27.26
N THR B 47 9.52 16.33 28.29
CA THR B 47 9.35 15.15 29.15
C THR B 47 8.22 14.21 28.72
N GLY B 48 7.47 14.60 27.68
CA GLY B 48 6.39 13.78 27.13
C GLY B 48 6.81 12.36 26.82
N LYS B 49 5.90 11.43 27.07
CA LYS B 49 6.07 10.04 26.68
C LYS B 49 5.10 9.61 25.61
N SER B 50 3.86 10.10 25.67
CA SER B 50 2.80 9.70 24.76
C SER B 50 1.65 10.72 24.76
N PHE B 51 1.02 10.89 23.61
CA PHE B 51 -0.28 11.56 23.54
C PHE B 51 -1.10 10.87 22.44
N ALA B 52 -2.42 10.97 22.52
CA ALA B 52 -3.28 10.33 21.52
C ALA B 52 -4.33 11.27 20.98
N ILE B 53 -4.60 11.14 19.68
CA ILE B 53 -5.69 11.84 19.00
C ILE B 53 -6.67 10.75 18.58
N ASN B 54 -7.94 10.86 18.99
CA ASN B 54 -8.95 9.85 18.70
C ASN B 54 -10.19 10.39 18.01
N PHE B 55 -10.49 9.83 16.84
CA PHE B 55 -11.74 10.09 16.14
C PHE B 55 -12.69 8.95 16.48
N LYS B 56 -13.78 9.28 17.18
CA LYS B 56 -14.64 8.28 17.83
C LYS B 56 -16.09 8.31 17.35
N VAL B 57 -16.73 7.15 17.44
CA VAL B 57 -18.19 7.04 17.30
C VAL B 57 -18.74 7.23 18.71
N GLY B 58 -19.20 8.43 19.02
CA GLY B 58 -19.69 8.76 20.36
C GLY B 58 -18.55 8.96 21.36
N SER B 59 -18.93 9.29 22.59
CA SER B 59 -17.95 9.72 23.61
C SER B 59 -17.22 8.56 24.32
N SER B 60 -17.80 7.35 24.32
CA SER B 60 -17.11 6.16 24.83
C SER B 60 -17.22 4.94 23.89
N GLY B 61 -17.56 5.17 22.62
CA GLY B 61 -17.76 4.07 21.66
C GLY B 61 -16.50 3.69 20.92
N ASP B 62 -16.65 3.32 19.66
CA ASP B 62 -15.53 2.86 18.83
C ASP B 62 -14.60 4.02 18.49
N ILE B 63 -13.32 3.70 18.30
CA ILE B 63 -12.34 4.68 17.81
C ILE B 63 -12.00 4.31 16.37
N ALA B 64 -12.56 5.07 15.43
CA ALA B 64 -12.30 4.89 14.01
C ALA B 64 -10.83 5.12 13.64
N LEU B 65 -10.22 6.14 14.26
CA LEU B 65 -8.78 6.40 14.09
C LEU B 65 -8.18 6.90 15.40
N HIS B 66 -7.14 6.19 15.85
CA HIS B 66 -6.35 6.48 17.03
C HIS B 66 -4.96 6.80 16.53
N ILE B 67 -4.47 8.01 16.80
CA ILE B 67 -3.13 8.44 16.40
C ILE B 67 -2.34 8.62 17.69
N ASN B 68 -1.26 7.86 17.85
CA ASN B 68 -0.53 7.80 19.13
C ASN B 68 0.98 7.96 18.97
N PRO B 69 1.47 9.21 18.85
CA PRO B 69 2.92 9.40 18.87
C PRO B 69 3.49 9.05 20.24
N ARG B 70 4.53 8.22 20.24
CA ARG B 70 5.18 7.77 21.48
C ARG B 70 6.64 8.24 21.40
N MET B 71 7.04 9.13 22.31
CA MET B 71 8.38 9.72 22.28
C MET B 71 9.50 8.74 22.63
N GLY B 72 9.25 7.81 23.54
CA GLY B 72 10.23 6.83 24.00
C GLY B 72 10.92 5.97 22.93
N ASN B 73 10.22 5.69 21.84
CA ASN B 73 10.80 4.95 20.71
C ASN B 73 10.56 5.62 19.34
N GLY B 74 10.13 6.87 19.36
CA GLY B 74 9.87 7.63 18.14
C GLY B 74 8.87 7.02 17.18
N THR B 75 7.82 6.39 17.71
CA THR B 75 6.79 5.75 16.87
C THR B 75 5.58 6.66 16.71
N VAL B 76 4.88 6.50 15.58
CA VAL B 76 3.59 7.14 15.35
C VAL B 76 2.60 6.00 15.08
N VAL B 77 1.95 5.54 16.14
CA VAL B 77 1.10 4.34 16.08
C VAL B 77 -0.31 4.75 15.65
N ARG B 78 -0.82 4.14 14.58
CA ARG B 78 -2.23 4.28 14.18
C ARG B 78 -2.95 2.96 14.30
N ASN B 79 -4.21 3.02 14.74
CA ASN B 79 -5.03 1.83 14.93
C ASN B 79 -6.51 2.21 15.05
N SER B 80 -7.37 1.20 15.00
CA SER B 80 -8.79 1.35 15.29
C SER B 80 -9.17 0.47 16.47
N LEU B 81 -10.02 1.00 17.36
CA LEU B 81 -10.64 0.25 18.43
C LEU B 81 -12.09 0.00 18.03
N LEU B 82 -12.41 -1.25 17.70
CA LEU B 82 -13.74 -1.63 17.22
C LEU B 82 -14.30 -2.80 18.04
N ASN B 83 -15.42 -2.56 18.72
CA ASN B 83 -16.06 -3.54 19.62
C ASN B 83 -15.19 -4.01 20.79
N GLY B 84 -14.56 -3.04 21.45
CA GLY B 84 -13.68 -3.29 22.59
C GLY B 84 -12.29 -3.81 22.28
N SER B 85 -11.98 -4.06 21.00
CA SER B 85 -10.71 -4.68 20.60
C SER B 85 -9.90 -3.81 19.63
N TRP B 86 -8.59 -3.77 19.86
CA TRP B 86 -7.66 -3.03 19.00
C TRP B 86 -7.31 -3.86 17.77
N GLY B 87 -7.25 -3.20 16.62
CA GLY B 87 -6.86 -3.86 15.37
C GLY B 87 -5.36 -4.07 15.17
N SER B 88 -4.96 -4.20 13.91
CA SER B 88 -3.56 -4.31 13.54
C SER B 88 -2.97 -2.89 13.50
N GLU B 89 -1.79 -2.70 14.08
CA GLU B 89 -1.13 -1.39 14.10
C GLU B 89 -0.49 -1.06 12.76
N GLU B 90 -0.63 0.21 12.35
CA GLU B 90 0.11 0.76 11.22
C GLU B 90 1.12 1.76 11.80
N LYS B 91 2.41 1.53 11.51
CA LYS B 91 3.48 2.37 12.05
C LYS B 91 4.41 2.99 11.02
N LYS B 92 4.24 2.68 9.72
CA LYS B 92 5.14 3.17 8.69
C LYS B 92 5.04 4.70 8.55
N ILE B 93 6.18 5.37 8.58
CA ILE B 93 6.30 6.82 8.35
C ILE B 93 7.56 7.06 7.53
N THR B 94 7.68 8.26 6.93
CA THR B 94 8.95 8.72 6.35
C THR B 94 9.57 9.88 7.15
N HIS B 95 8.84 10.37 8.16
CA HIS B 95 9.40 11.35 9.09
C HIS B 95 8.59 11.35 10.38
N ASN B 96 9.24 11.77 11.46
CA ASN B 96 8.57 11.91 12.74
C ASN B 96 8.57 13.35 13.24
N PRO B 97 7.42 14.04 13.08
CA PRO B 97 7.30 15.43 13.51
C PRO B 97 7.07 15.64 15.02
N PHE B 98 6.95 14.57 15.81
CA PHE B 98 6.57 14.67 17.22
C PHE B 98 7.75 14.48 18.18
N GLY B 99 8.91 14.98 17.80
CA GLY B 99 10.09 14.93 18.66
C GLY B 99 9.89 15.77 19.91
N PRO B 100 10.63 15.46 21.00
CA PRO B 100 10.47 16.29 22.21
C PRO B 100 10.84 17.75 21.98
N GLY B 101 10.03 18.66 22.51
CA GLY B 101 10.23 20.10 22.33
C GLY B 101 9.93 20.65 20.96
N GLN B 102 9.23 19.88 20.13
CA GLN B 102 8.91 20.29 18.77
C GLN B 102 7.46 20.76 18.67
N PHE B 103 7.27 21.82 17.90
CA PHE B 103 5.94 22.31 17.53
C PHE B 103 5.52 21.53 16.29
N PHE B 104 4.23 21.26 16.17
CA PHE B 104 3.71 20.56 15.00
C PHE B 104 2.39 21.15 14.54
N ASP B 105 2.04 20.84 13.29
CA ASP B 105 0.81 21.32 12.69
C ASP B 105 0.23 20.18 11.85
N LEU B 106 -0.88 19.60 12.31
CA LEU B 106 -1.52 18.48 11.63
C LEU B 106 -2.76 18.92 10.88
N SER B 107 -2.86 18.43 9.65
CA SER B 107 -4.06 18.53 8.85
C SER B 107 -4.58 17.10 8.67
N ILE B 108 -5.81 16.84 9.10
CA ILE B 108 -6.41 15.51 9.04
C ILE B 108 -7.65 15.57 8.17
N ARG B 109 -7.59 14.95 6.99
CA ARG B 109 -8.70 14.96 6.05
C ARG B 109 -9.32 13.58 6.01
N CYS B 110 -10.64 13.53 6.19
CA CYS B 110 -11.40 12.30 5.99
C CYS B 110 -11.81 12.19 4.53
N GLY B 111 -11.10 11.33 3.79
CA GLY B 111 -11.44 11.04 2.39
C GLY B 111 -12.54 10.01 2.28
N LEU B 112 -12.83 9.60 1.05
CA LEU B 112 -13.87 8.60 0.77
C LEU B 112 -13.41 7.20 1.22
N ASP B 113 -12.18 6.84 0.87
CA ASP B 113 -11.59 5.54 1.20
C ASP B 113 -10.65 5.56 2.42
N ARG B 114 -10.11 6.73 2.78
CA ARG B 114 -9.09 6.80 3.82
C ARG B 114 -8.94 8.18 4.44
N PHE B 115 -8.39 8.20 5.65
CA PHE B 115 -7.92 9.44 6.29
C PHE B 115 -6.60 9.83 5.65
N LYS B 116 -6.43 11.12 5.38
CA LYS B 116 -5.21 11.68 4.79
C LYS B 116 -4.61 12.69 5.78
N VAL B 117 -3.49 12.32 6.41
CA VAL B 117 -2.90 13.13 7.49
C VAL B 117 -1.55 13.74 7.07
N TYR B 118 -1.45 15.07 7.20
CA TYR B 118 -0.23 15.80 6.89
C TYR B 118 0.28 16.48 8.16
N ALA B 119 1.60 16.58 8.28
CA ALA B 119 2.27 17.23 9.42
C ALA B 119 3.24 18.28 8.89
N ASN B 120 3.06 19.53 9.32
CA ASN B 120 3.86 20.67 8.84
C ASN B 120 3.87 20.78 7.32
N GLY B 121 2.73 20.51 6.69
CA GLY B 121 2.58 20.54 5.24
C GLY B 121 3.17 19.37 4.47
N GLN B 122 3.65 18.34 5.19
CA GLN B 122 4.26 17.17 4.58
C GLN B 122 3.40 15.97 4.91
N HIS B 123 3.17 15.11 3.90
CA HIS B 123 2.34 13.92 4.08
C HIS B 123 2.94 13.02 5.17
N LEU B 124 2.10 12.64 6.14
CA LEU B 124 2.54 11.80 7.24
C LEU B 124 2.07 10.37 7.06
N PHE B 125 0.77 10.18 6.87
CA PHE B 125 0.21 8.84 6.62
C PHE B 125 -1.19 8.89 6.03
N ASP B 126 -1.57 7.83 5.33
CA ASP B 126 -2.97 7.53 5.05
C ASP B 126 -3.42 6.38 5.95
N PHE B 127 -4.71 6.33 6.24
CA PHE B 127 -5.31 5.26 7.05
C PHE B 127 -6.65 4.86 6.44
N ALA B 128 -6.67 3.70 5.79
CA ALA B 128 -7.89 3.19 5.13
C ALA B 128 -9.00 3.02 6.14
N HIS B 129 -10.21 3.47 5.78
CA HIS B 129 -11.34 3.32 6.68
C HIS B 129 -11.52 1.84 7.02
N ARG B 130 -11.53 1.56 8.32
CA ARG B 130 -11.85 0.24 8.84
C ARG B 130 -13.32 0.24 9.24
N LEU B 131 -13.72 1.32 9.92
CA LEU B 131 -15.14 1.63 10.11
C LEU B 131 -15.68 2.16 8.78
N SER B 132 -16.46 1.33 8.09
CA SER B 132 -16.81 1.56 6.68
C SER B 132 -17.79 2.71 6.48
N ALA B 133 -18.74 2.85 7.42
CA ALA B 133 -19.63 4.01 7.47
C ALA B 133 -18.98 5.09 8.34
N PHE B 134 -17.99 5.77 7.75
CA PHE B 134 -17.19 6.79 8.46
C PHE B 134 -17.96 8.05 8.87
N GLN B 135 -19.14 8.26 8.30
CA GLN B 135 -20.01 9.40 8.67
C GLN B 135 -20.54 9.31 10.12
N ARG B 136 -20.48 8.12 10.72
CA ARG B 136 -20.81 7.93 12.13
C ARG B 136 -19.77 8.50 13.11
N VAL B 137 -18.54 8.73 12.64
CA VAL B 137 -17.51 9.37 13.45
C VAL B 137 -17.96 10.80 13.73
N ASP B 138 -18.23 11.09 15.01
CA ASP B 138 -18.80 12.37 15.42
C ASP B 138 -18.14 13.00 16.65
N THR B 139 -16.95 12.54 17.03
CA THR B 139 -16.31 12.99 18.27
C THR B 139 -14.79 13.00 18.11
N LEU B 140 -14.16 14.11 18.53
CA LEU B 140 -12.71 14.24 18.57
C LEU B 140 -12.28 14.33 20.02
N GLU B 141 -11.35 13.46 20.41
CA GLU B 141 -10.76 13.42 21.74
C GLU B 141 -9.24 13.53 21.59
N ILE B 142 -8.62 14.39 22.40
CA ILE B 142 -7.15 14.46 22.48
C ILE B 142 -6.74 14.35 23.96
N GLN B 143 -5.78 13.49 24.25
CA GLN B 143 -5.36 13.17 25.63
C GLN B 143 -3.86 12.94 25.71
N GLY B 144 -3.29 13.14 26.89
CA GLY B 144 -1.90 12.77 27.17
C GLY B 144 -0.94 13.95 27.15
N ASP B 145 0.31 13.66 26.80
CA ASP B 145 1.42 14.60 26.97
C ASP B 145 1.56 15.50 25.75
N VAL B 146 0.67 16.47 25.66
CA VAL B 146 0.69 17.43 24.55
C VAL B 146 0.11 18.75 25.02
N THR B 147 0.64 19.84 24.49
CA THR B 147 0.13 21.18 24.75
C THR B 147 -0.38 21.69 23.41
N LEU B 148 -1.69 21.95 23.35
CA LEU B 148 -2.37 22.34 22.14
C LEU B 148 -2.41 23.86 22.09
N SER B 149 -2.12 24.43 20.92
CA SER B 149 -2.30 25.87 20.68
C SER B 149 -3.51 26.21 19.80
N TYR B 150 -3.97 25.27 18.97
CA TYR B 150 -5.08 25.52 18.06
C TYR B 150 -5.69 24.20 17.58
N VAL B 151 -6.99 24.04 17.78
CA VAL B 151 -7.73 22.89 17.24
C VAL B 151 -8.98 23.39 16.51
N GLN B 152 -8.99 23.22 15.19
CA GLN B 152 -10.13 23.63 14.34
C GLN B 152 -10.92 22.42 13.90
N ILE B 153 -12.21 22.48 14.16
CA ILE B 153 -13.17 21.45 13.76
C ILE B 153 -14.30 22.11 12.98
N GLY C 14 38.93 -8.90 17.68
CA GLY C 14 38.49 -7.51 17.38
C GLY C 14 37.73 -6.88 18.53
N PRO C 15 38.46 -6.37 19.55
CA PRO C 15 37.78 -5.72 20.68
C PRO C 15 37.05 -4.44 20.27
N PRO C 16 36.02 -4.05 21.02
CA PRO C 16 35.35 -2.78 20.74
C PRO C 16 36.29 -1.57 20.91
N THR C 17 35.94 -0.47 20.26
CA THR C 17 36.60 0.82 20.44
C THR C 17 35.71 1.63 21.38
N PHE C 18 36.23 2.00 22.54
CA PHE C 18 35.44 2.69 23.55
C PHE C 18 35.56 4.21 23.44
N ASN C 19 34.43 4.90 23.54
CA ASN C 19 34.39 6.36 23.46
C ASN C 19 35.21 6.96 22.32
N PRO C 20 35.05 6.43 21.08
CA PRO C 20 35.84 7.00 19.99
C PRO C 20 35.41 8.45 19.74
N PRO C 21 36.37 9.40 19.70
CA PRO C 21 36.00 10.78 19.39
C PRO C 21 35.41 10.93 17.99
N VAL C 22 34.58 11.96 17.80
CA VAL C 22 33.89 12.25 16.54
C VAL C 22 34.54 13.54 15.97
N PRO C 23 34.93 13.60 14.69
CA PRO C 23 34.69 12.57 13.68
C PRO C 23 35.55 11.32 13.87
N TYR C 24 34.94 10.17 13.57
CA TYR C 24 35.55 8.86 13.74
C TYR C 24 35.81 8.29 12.36
N PHE C 25 36.99 7.70 12.19
CA PHE C 25 37.37 7.01 10.96
C PHE C 25 37.85 5.61 11.32
N GLY C 26 36.96 4.63 11.15
CA GLY C 26 37.22 3.24 11.49
C GLY C 26 37.58 2.39 10.28
N ARG C 27 38.75 1.77 10.32
CA ARG C 27 39.24 0.94 9.22
C ARG C 27 38.66 -0.47 9.30
N LEU C 28 37.91 -0.86 8.27
CA LEU C 28 37.32 -2.19 8.18
C LEU C 28 38.34 -3.17 7.59
N GLN C 29 39.01 -3.91 8.48
CA GLN C 29 39.98 -4.96 8.13
C GLN C 29 39.48 -5.98 7.08
N GLY C 30 40.18 -6.05 5.95
CA GLY C 30 39.84 -6.95 4.84
C GLY C 30 38.59 -6.55 4.07
N GLY C 31 38.19 -5.28 4.19
CA GLY C 31 36.96 -4.79 3.60
C GLY C 31 35.70 -5.33 4.25
N LEU C 32 34.58 -4.68 3.95
CA LEU C 32 33.28 -5.07 4.48
C LEU C 32 32.93 -6.50 4.08
N THR C 33 32.62 -7.34 5.07
CA THR C 33 32.41 -8.77 4.84
C THR C 33 30.97 -9.15 5.17
N ALA C 34 30.35 -9.91 4.27
CA ALA C 34 29.02 -10.45 4.50
C ALA C 34 28.98 -11.28 5.78
N ARG C 35 27.82 -11.21 6.46
CA ARG C 35 27.52 -11.99 7.67
C ARG C 35 28.26 -11.50 8.93
N ARG C 36 28.86 -10.31 8.87
CA ARG C 36 29.44 -9.66 10.05
C ARG C 36 28.53 -8.49 10.45
N THR C 37 28.28 -8.36 11.75
CA THR C 37 27.43 -7.29 12.29
C THR C 37 28.32 -6.25 12.98
N ILE C 38 28.15 -5.00 12.58
CA ILE C 38 28.79 -3.83 13.20
C ILE C 38 27.86 -3.28 14.26
N ILE C 39 28.42 -2.93 15.42
CA ILE C 39 27.66 -2.33 16.51
C ILE C 39 28.13 -0.89 16.72
N ILE C 40 27.17 0.04 16.78
CA ILE C 40 27.46 1.46 17.01
C ILE C 40 26.51 1.95 18.09
N LYS C 41 27.06 2.27 19.26
CA LYS C 41 26.29 2.85 20.36
C LYS C 41 26.68 4.31 20.57
N GLY C 42 25.67 5.18 20.60
CA GLY C 42 25.87 6.62 20.62
C GLY C 42 24.78 7.35 21.34
N TYR C 43 24.82 8.67 21.24
CA TYR C 43 23.93 9.56 21.95
C TYR C 43 23.76 10.79 21.08
N VAL C 44 22.50 11.17 20.85
CA VAL C 44 22.18 12.36 20.08
C VAL C 44 22.03 13.50 21.09
N PRO C 45 22.93 14.50 21.05
CA PRO C 45 22.76 15.64 21.97
C PRO C 45 21.41 16.36 21.77
N PRO C 46 20.83 16.96 22.85
CA PRO C 46 19.57 17.68 22.66
C PRO C 46 19.60 18.82 21.63
N THR C 47 20.76 19.47 21.45
CA THR C 47 20.95 20.51 20.43
C THR C 47 21.42 19.99 19.06
N GLY C 48 21.49 18.67 18.89
CA GLY C 48 21.93 18.09 17.61
C GLY C 48 20.99 18.43 16.48
N LYS C 49 21.53 18.57 15.28
CA LYS C 49 20.75 18.78 14.06
C LYS C 49 20.93 17.65 13.04
N SER C 50 22.13 17.09 12.94
CA SER C 50 22.43 16.07 11.94
C SER C 50 23.72 15.32 12.28
N PHE C 51 23.73 14.01 12.04
CA PHE C 51 24.95 13.22 12.02
C PHE C 51 24.84 12.17 10.92
N ALA C 52 25.97 11.63 10.49
CA ALA C 52 26.01 10.65 9.40
C ALA C 52 26.89 9.47 9.75
N ILE C 53 26.47 8.27 9.36
CA ILE C 53 27.32 7.07 9.37
C ILE C 53 27.55 6.71 7.90
N ASN C 54 28.81 6.66 7.48
CA ASN C 54 29.17 6.41 6.07
C ASN C 54 29.99 5.15 5.90
N PHE C 55 29.52 4.26 5.02
CA PHE C 55 30.27 3.08 4.60
C PHE C 55 30.99 3.47 3.31
N LYS C 56 32.31 3.62 3.42
CA LYS C 56 33.11 4.35 2.44
C LYS C 56 34.20 3.50 1.79
N VAL C 57 34.40 3.72 0.50
CA VAL C 57 35.52 3.15 -0.25
C VAL C 57 36.61 4.20 -0.26
N GLY C 58 37.71 3.93 0.43
CA GLY C 58 38.80 4.89 0.59
C GLY C 58 39.48 5.33 -0.69
N SER C 59 39.75 4.39 -1.59
CA SER C 59 40.44 4.66 -2.87
C SER C 59 39.69 5.68 -3.75
N SER C 60 38.36 5.56 -3.79
CA SER C 60 37.52 6.42 -4.62
C SER C 60 36.85 7.56 -3.85
N GLY C 61 36.35 7.25 -2.65
CA GLY C 61 35.51 8.17 -1.88
C GLY C 61 34.01 7.88 -2.02
N ASP C 62 33.66 6.87 -2.80
CA ASP C 62 32.28 6.42 -2.91
C ASP C 62 31.73 5.98 -1.54
N ILE C 63 30.50 6.37 -1.26
CA ILE C 63 29.79 5.94 -0.07
C ILE C 63 28.75 4.90 -0.51
N ALA C 64 28.97 3.64 -0.14
CA ALA C 64 28.02 2.56 -0.41
C ALA C 64 26.71 2.74 0.36
N LEU C 65 26.83 3.17 1.61
CA LEU C 65 25.67 3.45 2.45
C LEU C 65 25.95 4.64 3.35
N HIS C 66 25.10 5.66 3.23
CA HIS C 66 25.09 6.89 4.00
C HIS C 66 23.80 6.87 4.81
N ILE C 67 23.92 6.74 6.14
CA ILE C 67 22.78 6.79 7.06
C ILE C 67 22.84 8.14 7.76
N ASN C 68 21.77 8.93 7.62
CA ASN C 68 21.80 10.35 8.01
C ASN C 68 20.57 10.77 8.84
N PRO C 69 20.62 10.54 10.17
CA PRO C 69 19.53 11.03 10.98
C PRO C 69 19.56 12.56 11.08
N ARG C 70 18.41 13.17 10.82
CA ARG C 70 18.25 14.61 10.83
C ARG C 70 17.15 14.89 11.84
N MET C 71 17.50 15.43 13.01
CA MET C 71 16.48 15.62 14.06
C MET C 71 15.56 16.83 13.84
N GLY C 72 15.87 17.68 12.87
CA GLY C 72 15.01 18.82 12.52
C GLY C 72 13.60 18.41 12.11
N ASN C 73 13.51 17.42 11.24
CA ASN C 73 12.21 16.85 10.83
C ASN C 73 12.04 15.38 11.23
N GLY C 74 12.94 14.87 12.06
CA GLY C 74 12.89 13.50 12.54
C GLY C 74 12.89 12.47 11.43
N THR C 75 13.85 12.58 10.53
CA THR C 75 14.01 11.64 9.41
C THR C 75 15.26 10.80 9.57
N VAL C 76 15.28 9.68 8.87
CA VAL C 76 16.47 8.82 8.80
C VAL C 76 16.70 8.57 7.32
N VAL C 77 17.60 9.37 6.71
CA VAL C 77 17.83 9.32 5.26
C VAL C 77 18.98 8.37 4.91
N ARG C 78 18.73 7.51 3.93
CA ARG C 78 19.73 6.60 3.41
C ARG C 78 19.93 6.90 1.94
N ASN C 79 21.19 6.86 1.50
CA ASN C 79 21.54 7.06 0.10
C ASN C 79 22.92 6.47 -0.19
N SER C 80 23.30 6.51 -1.46
CA SER C 80 24.65 6.16 -1.91
C SER C 80 25.23 7.29 -2.75
N LEU C 81 26.53 7.52 -2.60
CA LEU C 81 27.27 8.50 -3.38
C LEU C 81 28.24 7.73 -4.26
N LEU C 82 27.80 7.41 -5.48
CA LEU C 82 28.60 6.60 -6.42
C LEU C 82 28.92 7.41 -7.67
N ASN C 83 30.18 7.32 -8.11
CA ASN C 83 30.68 8.10 -9.25
C ASN C 83 30.41 9.61 -9.14
N GLY C 84 30.56 10.13 -7.93
CA GLY C 84 30.37 11.56 -7.67
C GLY C 84 28.96 12.08 -7.49
N SER C 85 27.93 11.22 -7.57
CA SER C 85 26.54 11.67 -7.48
C SER C 85 25.67 10.80 -6.55
N TRP C 86 24.77 11.48 -5.83
CA TRP C 86 23.86 10.84 -4.88
C TRP C 86 22.71 10.17 -5.63
N GLY C 87 22.33 8.97 -5.21
CA GLY C 87 21.16 8.30 -5.76
C GLY C 87 19.85 8.79 -5.19
N SER C 88 18.81 7.96 -5.30
CA SER C 88 17.51 8.23 -4.70
C SER C 88 17.59 7.99 -3.20
N GLU C 89 16.86 8.80 -2.44
CA GLU C 89 16.81 8.69 -0.99
C GLU C 89 15.78 7.65 -0.57
N GLU C 90 16.11 6.88 0.47
CA GLU C 90 15.15 6.01 1.15
C GLU C 90 14.91 6.54 2.56
N LYS C 91 13.64 6.74 2.92
CA LYS C 91 13.25 7.34 4.20
C LYS C 91 12.30 6.50 5.07
N LYS C 92 11.69 5.46 4.52
CA LYS C 92 10.65 4.73 5.25
C LYS C 92 11.20 4.08 6.52
N ILE C 93 10.50 4.30 7.63
CA ILE C 93 10.85 3.71 8.93
C ILE C 93 9.56 3.38 9.68
N THR C 94 9.63 2.45 10.65
CA THR C 94 8.51 2.21 11.57
C THR C 94 8.79 2.78 12.97
N HIS C 95 9.99 3.32 13.19
CA HIS C 95 10.30 4.07 14.40
C HIS C 95 11.54 4.93 14.17
N ASN C 96 11.64 6.05 14.88
CA ASN C 96 12.83 6.89 14.84
C ASN C 96 13.51 6.92 16.21
N PRO C 97 14.63 6.16 16.34
CA PRO C 97 15.36 6.09 17.61
C PRO C 97 16.42 7.20 17.82
N PHE C 98 16.44 8.24 16.99
CA PHE C 98 17.49 9.27 17.08
C PHE C 98 16.99 10.61 17.58
N GLY C 99 16.04 10.61 18.51
CA GLY C 99 15.49 11.85 19.05
C GLY C 99 16.54 12.61 19.85
N PRO C 100 16.42 13.96 19.93
CA PRO C 100 17.30 14.72 20.80
C PRO C 100 17.35 14.15 22.23
N GLY C 101 18.55 13.97 22.78
CA GLY C 101 18.74 13.42 24.11
C GLY C 101 18.49 11.92 24.25
N GLN C 102 18.52 11.19 23.15
CA GLN C 102 18.31 9.73 23.15
C GLN C 102 19.64 9.02 22.95
N PHE C 103 19.85 7.96 23.73
CA PHE C 103 20.88 6.98 23.44
C PHE C 103 20.29 5.97 22.45
N PHE C 104 21.13 5.48 21.55
CA PHE C 104 20.75 4.43 20.59
C PHE C 104 21.81 3.34 20.56
N ASP C 105 21.38 2.10 20.37
CA ASP C 105 22.28 0.96 20.17
C ASP C 105 21.99 0.37 18.80
N LEU C 106 22.82 0.76 17.83
CA LEU C 106 22.62 0.44 16.43
C LEU C 106 23.41 -0.79 16.06
N SER C 107 22.83 -1.63 15.20
CA SER C 107 23.53 -2.79 14.68
C SER C 107 23.30 -2.83 13.18
N ILE C 108 24.34 -3.15 12.43
CA ILE C 108 24.30 -3.15 10.96
C ILE C 108 24.96 -4.43 10.46
N ARG C 109 24.12 -5.34 9.94
CA ARG C 109 24.58 -6.60 9.41
C ARG C 109 24.65 -6.47 7.89
N CYS C 110 25.81 -6.82 7.34
CA CYS C 110 26.02 -6.85 5.90
C CYS C 110 25.68 -8.24 5.40
N GLY C 111 24.70 -8.31 4.50
CA GLY C 111 24.30 -9.57 3.85
C GLY C 111 24.79 -9.57 2.42
N LEU C 112 24.46 -10.63 1.69
CA LEU C 112 24.82 -10.73 0.28
C LEU C 112 24.07 -9.74 -0.62
N ASP C 113 22.83 -9.44 -0.28
CA ASP C 113 21.99 -8.54 -1.07
C ASP C 113 21.63 -7.20 -0.39
N ARG C 114 21.88 -7.07 0.91
CA ARG C 114 21.44 -5.89 1.64
C ARG C 114 22.22 -5.65 2.93
N PHE C 115 22.23 -4.40 3.37
CA PHE C 115 22.48 -4.08 4.79
C PHE C 115 21.14 -4.22 5.52
N LYS C 116 21.15 -4.82 6.71
CA LYS C 116 19.99 -4.84 7.60
C LYS C 116 20.36 -4.06 8.85
N VAL C 117 19.55 -3.09 9.21
CA VAL C 117 19.84 -2.16 10.30
C VAL C 117 18.77 -2.28 11.36
N TYR C 118 19.21 -2.40 12.61
CA TYR C 118 18.33 -2.49 13.77
C TYR C 118 18.74 -1.44 14.79
N ALA C 119 17.76 -0.88 15.49
CA ALA C 119 18.02 0.02 16.60
C ALA C 119 17.39 -0.57 17.85
N ASN C 120 18.21 -0.74 18.88
CA ASN C 120 17.79 -1.32 20.16
C ASN C 120 17.18 -2.73 20.01
N GLY C 121 17.66 -3.47 19.01
CA GLY C 121 17.12 -4.79 18.67
C GLY C 121 15.92 -4.79 17.73
N GLN C 122 15.29 -3.64 17.51
CA GLN C 122 14.14 -3.54 16.63
C GLN C 122 14.59 -3.17 15.24
N HIS C 123 14.24 -4.01 14.26
CA HIS C 123 14.54 -3.72 12.85
C HIS C 123 14.14 -2.30 12.50
N LEU C 124 15.04 -1.59 11.81
CA LEU C 124 14.87 -0.18 11.48
C LEU C 124 14.69 -0.02 9.97
N PHE C 125 15.65 -0.55 9.20
CA PHE C 125 15.52 -0.59 7.74
C PHE C 125 16.45 -1.63 7.11
N ASP C 126 16.04 -2.10 5.92
CA ASP C 126 16.91 -2.81 4.99
C ASP C 126 17.33 -1.81 3.91
N PHE C 127 18.57 -1.94 3.44
CA PHE C 127 19.10 -1.11 2.35
C PHE C 127 19.79 -2.03 1.33
N ALA C 128 19.21 -2.13 0.14
CA ALA C 128 19.78 -2.95 -0.92
C ALA C 128 21.15 -2.45 -1.32
N HIS C 129 22.07 -3.37 -1.57
CA HIS C 129 23.36 -2.98 -2.13
C HIS C 129 23.14 -2.32 -3.49
N ARG C 130 23.67 -1.11 -3.64
CA ARG C 130 23.72 -0.43 -4.94
C ARG C 130 25.11 -0.57 -5.54
N LEU C 131 26.12 -0.44 -4.69
CA LEU C 131 27.46 -0.89 -5.00
C LEU C 131 27.49 -2.39 -4.70
N SER C 132 27.39 -3.22 -5.74
CA SER C 132 27.30 -4.68 -5.53
C SER C 132 28.60 -5.27 -4.96
N ALA C 133 29.74 -4.68 -5.34
CA ALA C 133 31.03 -5.06 -4.77
C ALA C 133 31.26 -4.31 -3.44
N PHE C 134 30.44 -4.66 -2.44
CA PHE C 134 30.48 -4.03 -1.10
C PHE C 134 31.78 -4.29 -0.32
N GLN C 135 32.49 -5.36 -0.66
CA GLN C 135 33.84 -5.63 -0.12
C GLN C 135 34.84 -4.48 -0.34
N ARG C 136 34.55 -3.62 -1.32
CA ARG C 136 35.35 -2.41 -1.56
C ARG C 136 35.31 -1.41 -0.42
N VAL C 137 34.20 -1.39 0.31
CA VAL C 137 34.05 -0.54 1.48
C VAL C 137 35.14 -0.92 2.46
N ASP C 138 35.99 0.04 2.82
CA ASP C 138 37.09 -0.20 3.76
C ASP C 138 37.14 0.79 4.92
N THR C 139 36.09 1.60 5.08
CA THR C 139 36.10 2.75 5.98
C THR C 139 34.71 3.02 6.55
N LEU C 140 34.64 3.11 7.88
CA LEU C 140 33.43 3.47 8.59
C LEU C 140 33.67 4.86 9.16
N GLU C 141 32.94 5.83 8.65
CA GLU C 141 33.13 7.22 8.95
C GLU C 141 31.88 7.74 9.65
N ILE C 142 32.03 8.21 10.89
CA ILE C 142 30.92 8.77 11.66
C ILE C 142 31.26 10.24 11.94
N GLN C 143 30.39 11.14 11.47
CA GLN C 143 30.59 12.59 11.56
C GLN C 143 29.34 13.27 12.09
N GLY C 144 29.50 14.48 12.62
CA GLY C 144 28.37 15.36 12.95
C GLY C 144 28.00 15.44 14.42
N ASP C 145 26.70 15.61 14.67
CA ASP C 145 26.17 15.89 16.01
C ASP C 145 25.79 14.58 16.70
N VAL C 146 26.80 13.91 17.24
CA VAL C 146 26.65 12.61 17.86
C VAL C 146 27.87 12.36 18.74
N THR C 147 27.66 11.68 19.87
CA THR C 147 28.75 11.21 20.70
C THR C 147 28.69 9.70 20.65
N LEU C 148 29.83 9.04 20.60
CA LEU C 148 29.88 7.59 20.47
C LEU C 148 30.40 6.94 21.73
N SER C 149 29.68 5.91 22.17
CA SER C 149 30.04 5.13 23.36
C SER C 149 30.92 3.94 23.02
N TYR C 150 30.62 3.29 21.90
CA TYR C 150 31.11 1.93 21.65
C TYR C 150 30.99 1.68 20.15
N VAL C 151 32.06 1.19 19.54
CA VAL C 151 32.04 0.73 18.14
C VAL C 151 32.80 -0.59 18.03
N GLN C 152 32.19 -1.56 17.37
CA GLN C 152 32.75 -2.91 17.25
C GLN C 152 32.27 -3.58 15.98
N ILE C 153 33.20 -4.08 15.18
CA ILE C 153 32.88 -4.68 13.88
C ILE C 153 32.64 -6.18 14.07
N GLY D 14 -41.90 -15.68 -9.16
CA GLY D 14 -41.23 -17.01 -9.23
C GLY D 14 -40.49 -17.26 -10.52
N PRO D 15 -41.21 -17.28 -11.67
CA PRO D 15 -40.56 -17.53 -12.95
C PRO D 15 -39.63 -16.37 -13.37
N PRO D 16 -38.60 -16.67 -14.19
CA PRO D 16 -37.68 -15.62 -14.62
C PRO D 16 -38.32 -14.58 -15.54
N THR D 17 -37.71 -13.41 -15.62
CA THR D 17 -38.07 -12.37 -16.56
C THR D 17 -37.06 -12.39 -17.70
N PHE D 18 -37.54 -12.57 -18.92
CA PHE D 18 -36.67 -12.65 -20.09
C PHE D 18 -36.52 -11.30 -20.78
N ASN D 19 -35.28 -11.01 -21.19
CA ASN D 19 -34.91 -9.78 -21.87
C ASN D 19 -35.47 -8.50 -21.27
N PRO D 20 -35.30 -8.32 -19.95
CA PRO D 20 -35.84 -7.12 -19.31
C PRO D 20 -35.10 -5.87 -19.81
N PRO D 21 -35.83 -4.79 -20.12
CA PRO D 21 -35.17 -3.61 -20.67
C PRO D 21 -34.35 -2.90 -19.61
N VAL D 22 -33.22 -2.33 -20.02
CA VAL D 22 -32.43 -1.45 -19.17
C VAL D 22 -32.85 -0.01 -19.54
N PRO D 23 -33.19 0.85 -18.57
CA PRO D 23 -33.09 0.58 -17.12
C PRO D 23 -34.17 -0.37 -16.60
N TYR D 24 -33.76 -1.21 -15.65
CA TYR D 24 -34.62 -2.25 -15.06
C TYR D 24 -34.92 -1.94 -13.61
N PHE D 25 -36.19 -2.11 -13.21
CA PHE D 25 -36.63 -1.90 -11.83
C PHE D 25 -37.46 -3.11 -11.38
N GLY D 26 -36.81 -4.05 -10.70
CA GLY D 26 -37.48 -5.23 -10.16
C GLY D 26 -38.06 -4.98 -8.77
N ARG D 27 -39.21 -5.60 -8.49
CA ARG D 27 -39.78 -5.65 -7.14
C ARG D 27 -39.36 -6.96 -6.48
N LEU D 28 -38.94 -6.90 -5.22
CA LEU D 28 -38.58 -8.12 -4.49
C LEU D 28 -39.86 -8.69 -3.86
N GLN D 29 -39.78 -9.94 -3.37
CA GLN D 29 -40.97 -10.70 -2.98
C GLN D 29 -41.61 -10.06 -1.74
N GLY D 30 -40.99 -10.21 -0.57
CA GLY D 30 -41.27 -9.37 0.58
C GLY D 30 -40.29 -8.21 0.44
N GLY D 31 -39.31 -8.17 1.33
CA GLY D 31 -38.08 -7.43 1.10
C GLY D 31 -37.01 -8.42 0.66
N LEU D 32 -35.75 -8.01 0.74
CA LEU D 32 -34.63 -8.93 0.56
C LEU D 32 -34.70 -9.99 1.66
N THR D 33 -34.54 -11.25 1.27
CA THR D 33 -34.69 -12.36 2.20
C THR D 33 -33.42 -13.20 2.17
N ALA D 34 -32.89 -13.47 3.37
CA ALA D 34 -31.70 -14.31 3.53
C ALA D 34 -31.95 -15.69 2.93
N ARG D 35 -30.88 -16.27 2.38
CA ARG D 35 -30.86 -17.62 1.81
C ARG D 35 -31.56 -17.76 0.45
N ARG D 36 -31.93 -16.66 -0.18
CA ARG D 36 -32.47 -16.67 -1.54
C ARG D 36 -31.43 -16.09 -2.49
N THR D 37 -31.27 -16.71 -3.65
CA THR D 37 -30.24 -16.32 -4.61
C THR D 37 -30.90 -15.68 -5.84
N ILE D 38 -30.47 -14.46 -6.15
CA ILE D 38 -30.93 -13.76 -7.32
C ILE D 38 -29.99 -14.08 -8.48
N ILE D 39 -30.55 -14.38 -9.64
CA ILE D 39 -29.77 -14.65 -10.85
C ILE D 39 -29.91 -13.52 -11.87
N ILE D 40 -28.77 -13.08 -12.41
CA ILE D 40 -28.72 -12.05 -13.45
C ILE D 40 -27.79 -12.52 -14.56
N LYS D 41 -28.34 -12.68 -15.76
CA LYS D 41 -27.54 -13.02 -16.94
C LYS D 41 -27.63 -11.85 -17.92
N GLY D 42 -26.49 -11.52 -18.52
CA GLY D 42 -26.40 -10.30 -19.31
C GLY D 42 -25.15 -10.20 -20.19
N TYR D 43 -25.04 -9.05 -20.84
CA TYR D 43 -24.03 -8.81 -21.87
C TYR D 43 -23.54 -7.38 -21.72
N VAL D 44 -22.21 -7.23 -21.70
CA VAL D 44 -21.56 -5.93 -21.69
C VAL D 44 -21.32 -5.55 -23.15
N PRO D 45 -21.93 -4.45 -23.63
CA PRO D 45 -21.64 -4.02 -25.00
C PRO D 45 -20.15 -3.73 -25.22
N PRO D 46 -19.63 -3.95 -26.44
CA PRO D 46 -18.24 -3.58 -26.69
C PRO D 46 -17.97 -2.06 -26.69
N THR D 47 -19.04 -1.26 -26.70
CA THR D 47 -19.02 0.19 -26.48
C THR D 47 -19.14 0.60 -24.98
N GLY D 48 -19.38 -0.36 -24.09
CA GLY D 48 -19.82 -0.07 -22.74
C GLY D 48 -18.74 0.53 -21.85
N LYS D 49 -19.12 1.57 -21.11
CA LYS D 49 -18.24 2.26 -20.18
C LYS D 49 -18.49 1.87 -18.72
N SER D 50 -19.76 1.70 -18.36
CA SER D 50 -20.14 1.40 -16.97
C SER D 50 -21.59 0.95 -16.85
N PHE D 51 -21.86 0.01 -15.94
CA PHE D 51 -23.24 -0.30 -15.52
C PHE D 51 -23.32 -0.54 -14.01
N ALA D 52 -24.52 -0.44 -13.46
CA ALA D 52 -24.74 -0.50 -12.01
C ALA D 52 -25.90 -1.42 -11.65
N ILE D 53 -25.65 -2.31 -10.69
CA ILE D 53 -26.71 -3.10 -10.07
C ILE D 53 -26.89 -2.55 -8.65
N ASN D 54 -28.08 -2.04 -8.36
CA ASN D 54 -28.40 -1.49 -7.04
C ASN D 54 -29.50 -2.28 -6.34
N PHE D 55 -29.23 -2.63 -5.09
CA PHE D 55 -30.22 -3.16 -4.15
C PHE D 55 -30.64 -1.98 -3.30
N LYS D 56 -31.89 -1.57 -3.44
CA LYS D 56 -32.34 -0.24 -3.08
C LYS D 56 -33.58 -0.27 -2.20
N VAL D 57 -33.67 0.71 -1.29
CA VAL D 57 -34.87 0.93 -0.49
C VAL D 57 -35.64 2.03 -1.21
N GLY D 58 -36.69 1.64 -1.94
CA GLY D 58 -37.45 2.56 -2.79
C GLY D 58 -38.05 3.77 -2.08
N SER D 59 -38.45 3.57 -0.82
CA SER D 59 -39.04 4.65 -0.03
C SER D 59 -38.04 5.71 0.44
N SER D 60 -36.76 5.34 0.57
CA SER D 60 -35.71 6.26 1.06
C SER D 60 -34.63 6.64 0.03
N GLY D 61 -34.41 5.80 -0.99
CA GLY D 61 -33.30 5.98 -1.92
C GLY D 61 -31.98 5.35 -1.48
N ASP D 62 -31.92 4.85 -0.24
CA ASP D 62 -30.74 4.13 0.25
C ASP D 62 -30.45 2.93 -0.64
N ILE D 63 -29.17 2.72 -0.96
CA ILE D 63 -28.72 1.56 -1.71
C ILE D 63 -27.88 0.73 -0.75
N ALA D 64 -28.39 -0.42 -0.35
CA ALA D 64 -27.67 -1.34 0.56
C ALA D 64 -26.40 -1.90 -0.09
N LEU D 65 -26.49 -2.19 -1.39
CA LEU D 65 -25.36 -2.68 -2.15
C LEU D 65 -25.40 -2.15 -3.58
N HIS D 66 -24.34 -1.44 -3.96
CA HIS D 66 -24.15 -0.87 -5.28
C HIS D 66 -23.01 -1.68 -5.87
N ILE D 67 -23.25 -2.32 -7.02
CA ILE D 67 -22.24 -3.10 -7.75
C ILE D 67 -22.07 -2.42 -9.11
N ASN D 68 -20.85 -1.96 -9.40
CA ASN D 68 -20.59 -1.04 -10.51
C ASN D 68 -19.33 -1.43 -11.27
N PRO D 69 -19.48 -2.36 -12.25
CA PRO D 69 -18.40 -2.63 -13.18
C PRO D 69 -18.13 -1.45 -14.10
N ARG D 70 -16.86 -1.12 -14.23
CA ARG D 70 -16.39 0.00 -15.04
C ARG D 70 -15.38 -0.54 -16.04
N MET D 71 -15.73 -0.48 -17.32
CA MET D 71 -14.87 -1.02 -18.38
C MET D 71 -13.57 -0.24 -18.59
N GLY D 72 -13.58 1.07 -18.31
CA GLY D 72 -12.43 1.94 -18.56
C GLY D 72 -11.15 1.54 -17.84
N ASN D 73 -11.30 1.14 -16.57
CA ASN D 73 -10.17 0.67 -15.74
C ASN D 73 -10.29 -0.80 -15.28
N GLY D 74 -11.32 -1.52 -15.74
CA GLY D 74 -11.54 -2.92 -15.38
C GLY D 74 -11.75 -3.17 -13.91
N THR D 75 -12.61 -2.36 -13.29
CA THR D 75 -12.89 -2.43 -11.85
C THR D 75 -14.31 -2.88 -11.60
N VAL D 76 -14.52 -3.52 -10.44
CA VAL D 76 -15.85 -3.83 -9.92
C VAL D 76 -15.98 -3.14 -8.57
N VAL D 77 -16.50 -1.92 -8.58
CA VAL D 77 -16.62 -1.09 -7.40
C VAL D 77 -17.87 -1.49 -6.63
N ARG D 78 -17.73 -1.71 -5.32
CA ARG D 78 -18.87 -1.93 -4.43
C ARG D 78 -18.92 -0.88 -3.35
N ASN D 79 -20.14 -0.44 -3.07
CA ASN D 79 -20.38 0.58 -2.04
C ASN D 79 -21.85 0.59 -1.64
N SER D 80 -22.15 1.34 -0.58
CA SER D 80 -23.51 1.54 -0.11
CA SER D 80 -23.51 1.54 -0.12
C SER D 80 -23.80 3.05 -0.05
N LEU D 81 -24.99 3.44 -0.48
CA LEU D 81 -25.42 4.84 -0.44
C LEU D 81 -26.40 4.99 0.71
N LEU D 82 -25.95 5.62 1.80
CA LEU D 82 -26.76 5.85 3.00
C LEU D 82 -26.82 7.35 3.28
N ASN D 83 -28.05 7.88 3.41
CA ASN D 83 -28.28 9.31 3.66
C ASN D 83 -27.71 10.23 2.56
N GLY D 84 -27.75 9.76 1.31
CA GLY D 84 -27.25 10.51 0.16
C GLY D 84 -25.74 10.54 -0.04
N SER D 85 -24.98 9.79 0.77
CA SER D 85 -23.52 9.77 0.66
C SER D 85 -22.96 8.34 0.63
N TRP D 86 -21.90 8.17 -0.16
CA TRP D 86 -21.22 6.89 -0.28
C TRP D 86 -20.27 6.68 0.90
N GLY D 87 -19.98 5.42 1.19
CA GLY D 87 -18.96 5.04 2.18
C GLY D 87 -17.65 4.75 1.47
N SER D 88 -16.79 3.94 2.09
CA SER D 88 -15.54 3.54 1.44
C SER D 88 -15.80 2.42 0.44
N GLU D 89 -15.10 2.44 -0.68
CA GLU D 89 -15.30 1.48 -1.76
C GLU D 89 -14.64 0.17 -1.40
N GLU D 90 -15.18 -0.91 -1.97
CA GLU D 90 -14.58 -2.24 -1.92
C GLU D 90 -14.38 -2.70 -3.35
N LYS D 91 -13.12 -2.94 -3.72
CA LYS D 91 -12.75 -3.25 -5.11
C LYS D 91 -12.01 -4.57 -5.32
N LYS D 92 -11.58 -5.22 -4.24
CA LYS D 92 -10.84 -6.49 -4.36
C LYS D 92 -11.65 -7.55 -5.10
N ILE D 93 -10.97 -8.21 -6.04
CA ILE D 93 -11.53 -9.30 -6.87
C ILE D 93 -10.41 -10.26 -7.26
N THR D 94 -10.75 -11.50 -7.62
CA THR D 94 -9.80 -12.45 -8.22
C THR D 94 -9.98 -12.60 -9.73
N HIS D 95 -11.03 -11.99 -10.30
CA HIS D 95 -11.26 -12.02 -11.74
C HIS D 95 -12.28 -10.94 -12.11
N ASN D 96 -12.24 -10.51 -13.37
CA ASN D 96 -13.14 -9.47 -13.87
C ASN D 96 -13.98 -10.04 -15.01
N PRO D 97 -15.25 -10.41 -14.72
CA PRO D 97 -16.10 -11.05 -15.71
C PRO D 97 -16.87 -10.08 -16.63
N PHE D 98 -16.67 -8.77 -16.49
CA PHE D 98 -17.44 -7.76 -17.21
C PHE D 98 -16.64 -7.02 -18.28
N GLY D 99 -15.74 -7.73 -18.96
CA GLY D 99 -14.99 -7.15 -20.06
C GLY D 99 -15.94 -6.79 -21.19
N PRO D 100 -15.70 -5.66 -21.90
CA PRO D 100 -16.51 -5.30 -23.06
C PRO D 100 -16.66 -6.47 -24.03
N GLY D 101 -17.89 -6.71 -24.49
CA GLY D 101 -18.19 -7.82 -25.41
C GLY D 101 -18.34 -9.20 -24.78
N GLN D 102 -18.33 -9.30 -23.45
CA GLN D 102 -18.52 -10.57 -22.76
C GLN D 102 -19.95 -10.72 -22.24
N PHE D 103 -20.44 -11.95 -22.22
CA PHE D 103 -21.64 -12.32 -21.51
C PHE D 103 -21.23 -12.76 -20.13
N PHE D 104 -22.09 -12.47 -19.14
CA PHE D 104 -21.83 -12.88 -17.76
C PHE D 104 -23.07 -13.52 -17.13
N ASP D 105 -22.82 -14.44 -16.21
CA ASP D 105 -23.85 -15.16 -15.49
C ASP D 105 -23.61 -14.88 -14.01
N LEU D 106 -24.37 -13.95 -13.45
CA LEU D 106 -24.14 -13.44 -12.10
C LEU D 106 -25.14 -14.04 -11.13
N SER D 107 -24.69 -14.39 -9.92
CA SER D 107 -25.61 -14.79 -8.87
C SER D 107 -25.28 -14.03 -7.59
N ILE D 108 -26.32 -13.61 -6.88
CA ILE D 108 -26.18 -12.82 -5.65
C ILE D 108 -27.01 -13.49 -4.55
N ARG D 109 -26.33 -14.05 -3.56
CA ARG D 109 -26.99 -14.68 -2.41
C ARG D 109 -26.94 -13.73 -1.23
N CYS D 110 -28.11 -13.39 -0.70
CA CYS D 110 -28.23 -12.61 0.52
C CYS D 110 -28.06 -13.54 1.72
N GLY D 111 -27.01 -13.31 2.49
CA GLY D 111 -26.80 -14.01 3.76
C GLY D 111 -27.29 -13.15 4.91
N LEU D 112 -27.13 -13.66 6.12
CA LEU D 112 -27.56 -12.94 7.32
C LEU D 112 -26.62 -11.76 7.63
N ASP D 113 -25.32 -11.96 7.38
CA ASP D 113 -24.29 -10.93 7.65
C ASP D 113 -23.63 -10.30 6.41
N ARG D 114 -23.83 -10.92 5.24
CA ARG D 114 -23.20 -10.44 4.01
C ARG D 114 -23.98 -10.86 2.78
N PHE D 115 -23.68 -10.21 1.66
CA PHE D 115 -23.99 -10.74 0.34
C PHE D 115 -22.81 -11.60 -0.09
N LYS D 116 -23.09 -12.61 -0.91
CA LYS D 116 -22.04 -13.36 -1.59
C LYS D 116 -22.38 -13.33 -3.07
N VAL D 117 -21.43 -12.86 -3.88
CA VAL D 117 -21.64 -12.68 -5.31
C VAL D 117 -20.69 -13.60 -6.06
N TYR D 118 -21.24 -14.31 -7.04
CA TYR D 118 -20.49 -15.21 -7.90
C TYR D 118 -20.73 -14.79 -9.33
N ALA D 119 -19.75 -15.06 -10.19
CA ALA D 119 -19.92 -14.86 -11.63
C ALA D 119 -19.43 -16.11 -12.35
N ASN D 120 -20.29 -16.63 -13.23
CA ASN D 120 -20.02 -17.86 -13.98
C ASN D 120 -19.60 -19.01 -13.06
N GLY D 121 -20.32 -19.14 -11.95
CA GLY D 121 -20.05 -20.16 -10.94
C GLY D 121 -18.82 -19.99 -10.06
N GLN D 122 -18.09 -18.88 -10.23
CA GLN D 122 -16.82 -18.62 -9.54
C GLN D 122 -17.03 -17.44 -8.61
N HIS D 123 -16.70 -17.62 -7.33
CA HIS D 123 -16.86 -16.55 -6.34
C HIS D 123 -16.18 -15.25 -6.80
N LEU D 124 -16.86 -14.12 -6.58
CA LEU D 124 -16.39 -12.80 -7.02
C LEU D 124 -16.05 -11.91 -5.83
N PHE D 125 -17.00 -11.71 -4.92
CA PHE D 125 -16.75 -10.99 -3.67
C PHE D 125 -17.84 -11.27 -2.63
N ASP D 126 -17.50 -11.02 -1.37
CA ASP D 126 -18.48 -10.91 -0.29
C ASP D 126 -18.61 -9.44 0.04
N PHE D 127 -19.80 -9.01 0.46
CA PHE D 127 -20.03 -7.64 0.90
C PHE D 127 -20.83 -7.63 2.20
N ALA D 128 -20.16 -7.29 3.30
CA ALA D 128 -20.81 -7.24 4.62
C ALA D 128 -21.90 -6.17 4.65
N HIS D 129 -23.02 -6.47 5.31
CA HIS D 129 -24.15 -5.54 5.34
C HIS D 129 -23.78 -4.24 6.05
N ARG D 130 -23.98 -3.12 5.37
CA ARG D 130 -23.86 -1.80 5.98
C ARG D 130 -25.26 -1.29 6.36
N LEU D 131 -26.23 -1.51 5.47
CA LEU D 131 -27.64 -1.38 5.81
C LEU D 131 -27.99 -2.61 6.65
N SER D 132 -28.15 -2.41 7.96
CA SER D 132 -28.32 -3.51 8.92
C SER D 132 -29.59 -4.33 8.66
N ALA D 133 -30.70 -3.64 8.48
CA ALA D 133 -32.00 -4.27 8.20
C ALA D 133 -32.18 -4.41 6.70
N PHE D 134 -31.46 -5.38 6.13
CA PHE D 134 -31.50 -5.68 4.68
C PHE D 134 -32.89 -6.05 4.14
N GLN D 135 -33.80 -6.48 5.02
CA GLN D 135 -35.19 -6.78 4.64
C GLN D 135 -36.00 -5.55 4.18
N ARG D 136 -35.51 -4.34 4.48
CA ARG D 136 -36.10 -3.11 3.94
C ARG D 136 -35.85 -2.91 2.45
N VAL D 137 -34.83 -3.58 1.90
CA VAL D 137 -34.54 -3.50 0.47
C VAL D 137 -35.68 -4.17 -0.29
N ASP D 138 -36.33 -3.40 -1.16
CA ASP D 138 -37.48 -3.85 -1.97
C ASP D 138 -37.34 -3.59 -3.48
N THR D 139 -36.17 -3.12 -3.93
CA THR D 139 -35.97 -2.78 -5.33
C THR D 139 -34.64 -3.32 -5.85
N LEU D 140 -34.67 -3.92 -7.04
CA LEU D 140 -33.47 -4.31 -7.76
C LEU D 140 -33.40 -3.45 -9.01
N GLU D 141 -32.49 -2.48 -8.99
CA GLU D 141 -32.28 -1.51 -10.08
C GLU D 141 -31.07 -1.93 -10.90
N ILE D 142 -31.24 -1.98 -12.23
CA ILE D 142 -30.12 -2.27 -13.14
C ILE D 142 -30.08 -1.18 -14.22
N GLN D 143 -29.00 -0.39 -14.18
CA GLN D 143 -28.83 0.82 -14.98
C GLN D 143 -27.55 0.74 -15.79
N GLY D 144 -27.51 1.49 -16.90
CA GLY D 144 -26.24 1.74 -17.61
C GLY D 144 -25.97 0.86 -18.83
N ASP D 145 -24.70 0.70 -19.15
CA ASP D 145 -24.28 0.06 -20.39
C ASP D 145 -24.25 -1.46 -20.24
N VAL D 146 -25.44 -2.06 -20.27
CA VAL D 146 -25.60 -3.51 -20.18
C VAL D 146 -26.89 -3.93 -20.88
N THR D 147 -26.88 -5.12 -21.47
CA THR D 147 -28.08 -5.76 -22.01
C THR D 147 -28.37 -6.98 -21.14
N LEU D 148 -29.59 -7.08 -20.60
CA LEU D 148 -30.00 -8.22 -19.78
C LEU D 148 -30.76 -9.26 -20.61
N SER D 149 -30.43 -10.53 -20.41
CA SER D 149 -31.17 -11.64 -21.04
C SER D 149 -32.14 -12.35 -20.09
N TYR D 150 -31.90 -12.26 -18.78
CA TYR D 150 -32.61 -13.10 -17.81
C TYR D 150 -32.39 -12.53 -16.42
N VAL D 151 -33.49 -12.30 -15.68
CA VAL D 151 -33.42 -12.00 -14.25
C VAL D 151 -34.42 -12.90 -13.52
N GLN D 152 -33.93 -13.65 -12.54
CA GLN D 152 -34.79 -14.46 -11.67
C GLN D 152 -34.44 -14.18 -10.21
N ILE D 153 -35.40 -13.60 -9.49
CA ILE D 153 -35.21 -13.20 -8.09
C ILE D 153 -35.23 -14.44 -7.17
C2 BGC E . -4.96 -23.72 -13.20
C3 BGC E . -4.44 -23.22 -14.53
C4 BGC E . -3.11 -23.88 -14.86
C5 BGC E . -3.31 -25.39 -14.86
C6 BGC E . -2.07 -26.17 -15.28
C1 BGC E . -4.93 -25.25 -13.11
O1 BGC E . -5.15 -25.66 -11.75
O2 BGC E . -6.28 -23.21 -13.03
O3 BGC E . -4.28 -21.78 -14.46
O4 BGC E . -2.67 -23.38 -16.13
O5 BGC E . -3.67 -25.78 -13.53
O6 BGC E . -0.99 -25.96 -14.37
C1 GAL E . -1.30 -22.99 -16.15
C2 GAL E . -0.87 -22.63 -17.57
C3 GAL E . 0.59 -22.15 -17.56
C4 GAL E . 0.76 -21.02 -16.54
C5 GAL E . 0.30 -21.52 -15.17
C6 GAL E . 0.45 -20.50 -14.04
O2 GAL E . -1.02 -23.78 -18.42
O3 GAL E . 0.99 -21.71 -18.86
O4 GAL E . 0.01 -19.87 -16.93
O5 GAL E . -1.08 -21.87 -15.28
O6 GAL E . -0.11 -21.04 -12.83
C2 BGC F . 2.04 -3.11 21.34
C3 BGC F . 1.51 -1.82 21.97
C4 BGC F . 0.12 -2.01 22.57
C5 BGC F . 0.08 -3.24 23.47
C6 BGC F . -1.32 -3.55 24.00
C1 BGC F . 1.93 -4.26 22.34
O1 BGC F . 2.38 -5.46 21.71
O2 BGC F . 3.41 -2.94 20.94
O3 BGC F . 1.47 -0.80 20.98
O4 BGC F . -0.22 -0.83 23.31
O5 BGC F . 0.57 -4.39 22.76
O6 BGC F . -2.27 -3.65 22.93
C1 GAL F . -1.51 -0.27 23.02
C2 GAL F . -1.82 0.86 23.99
C3 GAL F . -3.10 1.62 23.62
C4 GAL F . -3.10 1.98 22.14
C5 GAL F . -2.86 0.72 21.33
C6 GAL F . -2.91 0.96 19.83
O2 GAL F . -1.97 0.26 25.28
O3 GAL F . -3.24 2.80 24.43
O4 GAL F . -2.09 2.97 21.87
O5 GAL F . -1.57 0.20 21.67
O6 GAL F . -2.52 -0.25 19.16
C2 BGC G . 16.95 16.31 -0.62
C3 BGC G . 18.10 16.40 0.37
C4 BGC G . 19.46 16.22 -0.30
C5 BGC G . 19.59 17.04 -1.60
C6 BGC G . 20.70 16.50 -2.52
C1 BGC G . 17.19 17.35 -1.71
O1 BGC G . 16.10 17.36 -2.64
O2 BGC G . 15.71 16.56 0.05
O3 BGC G . 17.92 15.43 1.40
O4 BGC G . 20.49 16.60 0.65
O5 BGC G . 18.40 17.03 -2.39
O6 BGC G . 21.95 17.18 -2.34
C1 GAL G . 21.60 15.69 0.73
C2 GAL G . 22.64 16.14 1.78
C3 GAL G . 23.78 15.12 1.84
C4 GAL G . 23.23 13.72 2.09
C5 GAL G . 22.21 13.40 1.00
C6 GAL G . 21.66 11.99 1.13
O2 GAL G . 23.17 17.43 1.45
O3 GAL G . 24.73 15.44 2.85
O4 GAL G . 22.62 13.66 3.39
O5 GAL G . 21.17 14.36 1.05
O6 GAL G . 20.64 11.81 0.14
C2 BGC H . -13.53 7.32 -6.60
C3 BGC H . -14.71 7.05 -7.55
C4 BGC H . -15.96 7.81 -7.09
C5 BGC H . -15.62 9.29 -6.87
C6 BGC H . -16.80 10.05 -6.27
C1 BGC H . -13.29 8.81 -6.48
O1 BGC H . -12.20 9.02 -5.56
O2 BGC H . -12.36 6.68 -7.11
O3 BGC H . -14.97 5.65 -7.61
O4 BGC H . -16.97 7.63 -8.09
O5 BGC H . -14.49 9.44 -6.00
O6 BGC H . -16.39 11.28 -5.64
C1 GAL H . -18.27 7.23 -7.62
C2 GAL H . -19.25 7.21 -8.79
C3 GAL H . -20.64 6.74 -8.36
C4 GAL H . -20.55 5.43 -7.58
C5 GAL H . -19.46 5.51 -6.49
C6 GAL H . -19.24 4.17 -5.78
O2 GAL H . -19.33 8.53 -9.35
O3 GAL H . -21.43 6.54 -9.53
O4 GAL H . -20.26 4.37 -8.50
O5 GAL H . -18.22 5.90 -7.07
O6 GAL H . -18.30 4.33 -4.71
#